data_6O9X
#
_entry.id   6O9X
#
_cell.length_a   44.564
_cell.length_b   65.786
_cell.length_c   88.367
_cell.angle_alpha   90.00
_cell.angle_beta   95.21
_cell.angle_gamma   90.00
#
_symmetry.space_group_name_H-M   'P 1 21 1'
#
loop_
_entity.id
_entity.type
_entity.pdbx_description
1 polymer 'Poly(ADP-ribose) glycohydrolase'
2 non-polymer 1,3-dimethyl-8-{[2-(pyrrolidin-1-yl)ethyl]sulfanyl}-6-sulfanylidene-1,3,6,9-tetrahydro-2H-purin-2-one
3 water water
#
_entity_poly.entity_id   1
_entity_poly.type   'polypeptide(L)'
_entity_poly.pdbx_seq_one_letter_code
;GPHMSPDKKWLGTPIEEMRRMPRCGIRLPLLRPSANHTVTIRVDLLRAGEVPKPFPTHYKDLWDNKHVKMPCSEQNLYPV
EDENGERTAGSRWELIQTALLNKFTRPQNLKDAILKYNVAYSKKWDFTALIDFWDKVLEEAEAQHLYQSILPDMVKIALC
LPNICTQPIPLLAAAMNHSITMSQEQIASLLANAFFCTFPRRNAKMKSEYSSYPDINFNRLFEGRSSRKPEKLKTLFCYF
RRVTAAAPTGLVTFTRQSLEDFPEWERCEKPLTRLHVTYEGTIEENGQGMLQVDFANRFVGGGVTSAGLVQEEIRFLINP
ELIISRLFTEVLDHNECLIITGTEQYSEYTGYAETYRWSRSHEDGSERDDWQRRCTEIVAIDALHFRRYLDQFVPEKMRR
ELNKAYCGFLRPGVSSENLSAVATGNWGCGAFGGDARLKALIQILAAAAAERDVVYFTFGDSELMRDIYSMHIFLTERKL
TVGDVYKLLLRYYNEECRNCSTPGPDIKLYPFIYHAVESCAETADHSGQRTGT
;
_entity_poly.pdbx_strand_id   A
#
# COMPACT_ATOMS: atom_id res chain seq x y z
N ASP A 7 8.03 10.18 31.39
CA ASP A 7 8.64 8.82 31.37
C ASP A 7 7.89 7.97 30.33
N LYS A 8 6.58 7.86 30.53
CA LYS A 8 5.68 6.84 29.93
C LYS A 8 5.58 6.99 28.41
N LYS A 9 6.04 5.98 27.69
CA LYS A 9 6.16 6.08 26.23
C LYS A 9 4.91 5.50 25.53
N TRP A 10 4.11 4.76 26.29
CA TRP A 10 2.93 4.11 25.80
C TRP A 10 1.89 4.02 26.93
N LEU A 11 0.61 3.97 26.54
CA LEU A 11 -0.48 3.84 27.48
C LEU A 11 -1.47 2.77 27.02
N GLY A 12 -2.20 2.18 27.98
CA GLY A 12 -3.29 1.32 27.73
C GLY A 12 -2.93 -0.15 27.87
N THR A 13 -3.49 -0.97 26.99
CA THR A 13 -3.25 -2.38 26.99
C THR A 13 -1.84 -2.61 26.47
N PRO A 14 -0.97 -3.41 27.14
CA PRO A 14 0.38 -3.64 26.66
C PRO A 14 0.33 -4.23 25.26
N ILE A 15 1.26 -3.80 24.40
CA ILE A 15 1.30 -4.27 23.01
C ILE A 15 1.54 -5.79 22.96
N GLU A 16 2.19 -6.31 24.00
CA GLU A 16 2.49 -7.72 24.16
C GLU A 16 1.21 -8.55 24.28
N GLU A 17 0.10 -7.94 24.65
CA GLU A 17 -1.17 -8.63 24.90
C GLU A 17 -2.09 -8.59 23.68
N MET A 18 -1.63 -7.97 22.58
CA MET A 18 -2.37 -7.84 21.35
C MET A 18 -2.08 -9.03 20.46
N ARG A 19 -3.08 -9.42 19.66
CA ARG A 19 -2.97 -10.53 18.76
C ARG A 19 -2.11 -10.12 17.55
N ARG A 20 -1.26 -11.08 17.10
CA ARG A 20 -0.40 -10.96 15.94
C ARG A 20 -0.36 -12.29 15.21
N MET A 21 -0.19 -12.20 13.87
CA MET A 21 0.23 -13.31 12.99
C MET A 21 1.72 -13.58 13.19
N PRO A 22 2.12 -14.86 13.08
CA PRO A 22 1.23 -15.96 12.75
C PRO A 22 0.51 -16.62 13.92
N ARG A 23 0.89 -16.30 15.15
CA ARG A 23 0.32 -17.05 16.34
C ARG A 23 -1.22 -17.01 16.33
N CYS A 24 -1.83 -15.88 15.95
CA CYS A 24 -3.27 -15.78 16.02
C CYS A 24 -4.02 -16.35 14.81
N GLY A 25 -3.31 -16.82 13.78
CA GLY A 25 -3.88 -17.05 12.47
C GLY A 25 -4.72 -18.31 12.41
N ILE A 26 -5.66 -18.32 11.46
CA ILE A 26 -6.44 -19.52 11.13
C ILE A 26 -5.51 -20.56 10.47
N ARG A 27 -5.86 -21.84 10.53
CA ARG A 27 -5.28 -22.84 9.64
C ARG A 27 -5.77 -22.48 8.23
N LEU A 28 -4.84 -22.21 7.30
CA LEU A 28 -5.25 -21.84 5.97
C LEU A 28 -5.88 -23.04 5.24
N PRO A 29 -6.90 -22.80 4.42
CA PRO A 29 -7.38 -23.76 3.43
C PRO A 29 -6.32 -24.02 2.37
N LEU A 30 -6.48 -25.13 1.64
CA LEU A 30 -5.54 -25.47 0.59
C LEU A 30 -5.60 -24.34 -0.45
N LEU A 31 -4.41 -23.88 -0.87
CA LEU A 31 -4.34 -22.88 -1.91
C LEU A 31 -4.78 -23.49 -3.24
N ARG A 32 -5.79 -22.91 -3.85
CA ARG A 32 -6.27 -23.35 -5.15
C ARG A 32 -6.98 -22.20 -5.86
N PRO A 33 -6.82 -22.16 -7.19
CA PRO A 33 -7.50 -21.19 -8.02
C PRO A 33 -9.00 -21.48 -7.93
N SER A 34 -9.77 -20.42 -8.02
CA SER A 34 -11.22 -20.46 -8.02
C SER A 34 -11.70 -19.29 -8.89
N ALA A 35 -12.99 -19.17 -9.10
CA ALA A 35 -13.48 -18.04 -9.88
C ALA A 35 -13.10 -16.70 -9.22
N ASN A 36 -12.92 -16.66 -7.90
CA ASN A 36 -12.57 -15.39 -7.22
C ASN A 36 -11.11 -15.34 -6.75
N HIS A 37 -10.28 -16.28 -7.19
CA HIS A 37 -8.91 -16.34 -6.72
C HIS A 37 -8.03 -16.81 -7.85
N THR A 38 -7.28 -15.87 -8.43
CA THR A 38 -6.33 -16.20 -9.42
C THR A 38 -5.04 -16.65 -8.76
N VAL A 39 -4.46 -17.78 -9.18
CA VAL A 39 -3.23 -18.30 -8.56
C VAL A 39 -2.29 -18.64 -9.71
N THR A 40 -1.12 -17.99 -9.71
CA THR A 40 -0.26 -17.95 -10.91
C THR A 40 0.94 -18.90 -10.81
N ILE A 41 0.93 -19.76 -9.80
CA ILE A 41 1.99 -20.70 -9.52
C ILE A 41 1.37 -22.10 -9.32
N ARG A 42 2.28 -23.08 -9.45
CA ARG A 42 1.97 -24.49 -9.25
C ARG A 42 1.85 -24.81 -7.77
N VAL A 43 0.61 -24.94 -7.28
CA VAL A 43 0.36 -25.14 -5.88
C VAL A 43 0.92 -26.51 -5.45
N ASP A 44 0.90 -27.47 -6.36
CA ASP A 44 1.33 -28.83 -6.02
C ASP A 44 2.84 -28.88 -5.79
N LEU A 45 3.58 -27.88 -6.27
CA LEU A 45 5.03 -27.80 -6.15
C LEU A 45 5.45 -26.70 -5.17
N LEU A 46 4.50 -26.05 -4.49
CA LEU A 46 4.90 -24.98 -3.56
C LEU A 46 5.58 -25.61 -2.34
N ARG A 47 6.82 -25.23 -2.11
CA ARG A 47 7.58 -25.77 -1.00
C ARG A 47 8.44 -24.67 -0.37
N ALA A 48 8.50 -24.69 0.94
CA ALA A 48 9.35 -23.76 1.75
C ALA A 48 10.78 -23.72 1.20
N GLY A 49 11.23 -22.49 0.88
CA GLY A 49 12.54 -22.21 0.49
C GLY A 49 12.84 -22.50 -0.97
N GLU A 50 11.81 -22.87 -1.76
CA GLU A 50 12.00 -23.18 -3.19
C GLU A 50 11.31 -22.09 -4.00
N VAL A 51 11.95 -21.68 -5.11
CA VAL A 51 11.26 -20.76 -6.04
C VAL A 51 10.02 -21.43 -6.60
N PRO A 52 8.85 -20.75 -6.53
CA PRO A 52 7.64 -21.28 -7.14
C PRO A 52 7.76 -21.43 -8.67
N LYS A 53 7.13 -22.47 -9.20
CA LYS A 53 7.11 -22.72 -10.64
C LYS A 53 5.86 -22.08 -11.23
N PRO A 54 5.98 -21.25 -12.27
CA PRO A 54 4.78 -20.67 -12.88
C PRO A 54 3.77 -21.73 -13.35
N PHE A 55 2.48 -21.37 -13.23
CA PHE A 55 1.35 -22.10 -13.87
C PHE A 55 0.59 -21.09 -14.75
N PRO A 56 0.35 -21.43 -16.01
CA PRO A 56 0.80 -22.64 -16.72
C PRO A 56 2.27 -22.64 -17.12
N THR A 57 2.70 -23.72 -17.80
CA THR A 57 4.06 -23.84 -18.27
C THR A 57 4.36 -22.87 -19.41
N HIS A 58 3.46 -22.74 -20.39
CA HIS A 58 3.69 -21.91 -21.48
C HIS A 58 2.91 -20.62 -21.31
N TYR A 59 3.49 -19.56 -21.84
CA TYR A 59 2.89 -18.25 -21.83
C TYR A 59 1.51 -18.29 -22.51
N LYS A 60 0.48 -17.76 -21.85
CA LYS A 60 -0.84 -17.52 -22.40
C LYS A 60 -1.15 -16.04 -22.33
N ASP A 61 -1.73 -15.51 -23.40
CA ASP A 61 -1.92 -14.07 -23.48
C ASP A 61 -3.41 -13.72 -23.49
N LEU A 62 -3.78 -12.66 -22.78
CA LEU A 62 -5.07 -11.96 -22.97
C LEU A 62 -4.80 -10.48 -23.14
N TRP A 63 -5.36 -9.90 -24.20
CA TRP A 63 -5.27 -8.52 -24.51
C TRP A 63 -6.68 -7.95 -24.60
N ASP A 64 -7.19 -7.44 -23.48
CA ASP A 64 -8.58 -7.00 -23.39
C ASP A 64 -8.72 -6.04 -22.22
N ASN A 65 -9.94 -5.64 -21.90
CA ASN A 65 -10.17 -4.65 -20.91
C ASN A 65 -10.40 -5.23 -19.51
N LYS A 66 -10.14 -6.53 -19.32
CA LYS A 66 -10.37 -7.21 -18.05
C LYS A 66 -9.03 -7.77 -17.52
N HIS A 67 -7.95 -7.62 -18.28
CA HIS A 67 -6.67 -8.20 -17.85
C HIS A 67 -5.58 -7.17 -18.07
N VAL A 68 -4.44 -7.40 -17.40
CA VAL A 68 -3.22 -6.64 -17.70
C VAL A 68 -2.83 -6.83 -19.15
N LYS A 69 -2.53 -5.71 -19.81
CA LYS A 69 -1.92 -5.81 -21.17
C LYS A 69 -0.40 -5.96 -21.03
N MET A 70 0.10 -7.17 -21.29
CA MET A 70 1.49 -7.50 -21.02
C MET A 70 2.37 -6.94 -22.12
N PRO A 71 3.60 -6.45 -21.80
CA PRO A 71 4.46 -5.91 -22.85
C PRO A 71 4.89 -6.96 -23.88
N CYS A 72 4.89 -8.24 -23.45
CA CYS A 72 5.31 -9.36 -24.31
C CYS A 72 4.19 -9.91 -25.18
N SER A 73 2.99 -9.33 -25.07
CA SER A 73 1.85 -9.73 -25.95
C SER A 73 2.27 -9.57 -27.40
N GLU A 74 1.89 -10.55 -28.23
CA GLU A 74 2.00 -10.37 -29.70
C GLU A 74 1.09 -9.23 -30.17
N GLN A 75 0.14 -8.78 -29.33
CA GLN A 75 -0.74 -7.72 -29.69
C GLN A 75 -0.16 -6.34 -29.37
N ASN A 76 1.04 -6.29 -28.75
CA ASN A 76 1.74 -5.05 -28.45
C ASN A 76 2.57 -4.68 -29.67
N LEU A 77 2.03 -3.73 -30.48
CA LEU A 77 2.59 -3.41 -31.79
C LEU A 77 3.12 -1.98 -31.81
N TYR A 78 3.98 -1.73 -32.79
CA TYR A 78 4.50 -0.37 -33.07
C TYR A 78 4.56 -0.16 -34.58
N PRO A 79 4.46 1.10 -35.02
CA PRO A 79 4.39 1.38 -36.46
C PRO A 79 5.80 1.29 -37.10
N VAL A 80 5.93 0.58 -38.22
CA VAL A 80 7.23 0.47 -39.00
C VAL A 80 7.07 1.05 -40.42
N THR A 88 3.21 -0.58 -41.64
CA THR A 88 3.36 -1.97 -41.23
C THR A 88 3.41 -1.97 -39.69
N ALA A 89 3.01 -3.08 -39.07
CA ALA A 89 3.15 -3.23 -37.63
C ALA A 89 4.38 -4.09 -37.35
N GLY A 90 5.15 -3.70 -36.33
CA GLY A 90 6.22 -4.51 -35.81
C GLY A 90 5.88 -4.93 -34.38
N SER A 91 6.63 -5.91 -33.86
CA SER A 91 6.43 -6.40 -32.50
C SER A 91 7.11 -5.42 -31.53
N ARG A 92 6.36 -4.73 -30.68
CA ARG A 92 7.01 -3.88 -29.71
C ARG A 92 7.85 -4.64 -28.68
N TRP A 93 7.49 -5.88 -28.39
CA TRP A 93 8.33 -6.71 -27.48
C TRP A 93 9.70 -7.00 -28.10
N GLU A 94 9.73 -7.26 -29.43
CA GLU A 94 11.02 -7.38 -30.11
C GLU A 94 11.83 -6.10 -30.02
N LEU A 95 11.15 -4.96 -30.19
CA LEU A 95 11.81 -3.66 -30.12
C LEU A 95 12.40 -3.42 -28.72
N ILE A 96 11.62 -3.78 -27.69
CA ILE A 96 12.04 -3.70 -26.27
C ILE A 96 13.31 -4.53 -26.06
N GLN A 97 13.30 -5.77 -26.56
CA GLN A 97 14.52 -6.64 -26.42
C GLN A 97 15.71 -5.97 -27.10
N THR A 98 15.55 -5.50 -28.33
CA THR A 98 16.67 -4.87 -29.09
C THR A 98 17.21 -3.62 -28.35
N ALA A 99 16.31 -2.83 -27.80
CA ALA A 99 16.67 -1.58 -27.12
C ALA A 99 17.41 -1.88 -25.81
N LEU A 100 16.91 -2.82 -25.03
CA LEU A 100 17.44 -3.04 -23.66
C LEU A 100 18.68 -3.94 -23.64
N LEU A 101 18.96 -4.64 -24.74
CA LEU A 101 20.12 -5.53 -24.80
C LEU A 101 21.32 -4.80 -25.38
N ASN A 102 21.70 -3.78 -24.65
CA ASN A 102 22.79 -2.92 -25.01
C ASN A 102 23.51 -2.60 -23.71
N LYS A 103 24.82 -2.34 -23.82
CA LYS A 103 25.54 -1.91 -22.67
C LYS A 103 25.16 -0.45 -22.36
N PHE A 104 25.00 -0.20 -21.07
CA PHE A 104 24.84 1.11 -20.57
C PHE A 104 26.20 1.41 -19.93
N THR A 105 26.75 2.59 -20.23
CA THR A 105 27.87 3.07 -19.44
C THR A 105 27.61 4.49 -18.92
N ARG A 106 26.56 5.11 -19.43
CA ARG A 106 26.21 6.49 -19.03
C ARG A 106 24.71 6.63 -18.97
N PRO A 107 24.13 7.54 -18.17
CA PRO A 107 22.68 7.59 -17.99
C PRO A 107 21.92 7.88 -19.27
N GLN A 108 22.51 8.69 -20.14
CA GLN A 108 21.90 8.93 -21.47
C GLN A 108 21.62 7.62 -22.21
N ASN A 109 22.45 6.59 -22.01
CA ASN A 109 22.29 5.34 -22.75
C ASN A 109 20.97 4.67 -22.31
N LEU A 110 20.66 4.75 -21.02
CA LEU A 110 19.42 4.18 -20.46
C LEU A 110 18.22 4.98 -20.94
N LYS A 111 18.36 6.31 -20.95
CA LYS A 111 17.30 7.15 -21.42
C LYS A 111 17.00 6.79 -22.88
N ASP A 112 18.07 6.67 -23.66
CA ASP A 112 17.92 6.43 -25.13
C ASP A 112 17.24 5.07 -25.36
N ALA A 113 17.61 4.06 -24.57
CA ALA A 113 17.02 2.72 -24.68
C ALA A 113 15.50 2.78 -24.42
N ILE A 114 15.11 3.37 -23.27
CA ILE A 114 13.71 3.41 -22.89
C ILE A 114 12.87 4.16 -23.95
N LEU A 115 13.42 5.23 -24.54
CA LEU A 115 12.68 6.01 -25.51
C LEU A 115 12.54 5.31 -26.85
N LYS A 116 13.37 4.33 -27.16
CA LYS A 116 13.25 3.58 -28.40
C LYS A 116 11.84 3.02 -28.60
N TYR A 117 11.21 2.56 -27.52
CA TYR A 117 9.91 1.91 -27.61
C TYR A 117 8.86 2.79 -26.92
N ASN A 118 9.20 4.07 -26.70
CA ASN A 118 8.29 5.06 -26.17
C ASN A 118 8.49 6.36 -26.95
N VAL A 119 8.55 6.23 -28.27
CA VAL A 119 8.99 7.33 -29.15
C VAL A 119 8.05 8.54 -29.00
N ALA A 120 6.77 8.29 -28.76
CA ALA A 120 5.81 9.41 -28.64
C ALA A 120 6.17 10.36 -27.50
N TYR A 121 6.89 9.84 -26.49
CA TYR A 121 7.21 10.55 -25.28
C TYR A 121 8.64 11.13 -25.28
N SER A 122 9.33 11.07 -26.43
CA SER A 122 10.76 11.39 -26.47
C SER A 122 11.01 12.86 -26.10
N LYS A 123 10.03 13.75 -26.34
CA LYS A 123 10.13 15.15 -25.93
C LYS A 123 9.44 15.41 -24.58
N LYS A 124 8.52 14.52 -24.15
CA LYS A 124 7.68 14.70 -22.94
C LYS A 124 8.42 14.21 -21.69
N TRP A 125 9.16 13.09 -21.81
CA TRP A 125 9.82 12.49 -20.66
C TRP A 125 11.24 13.02 -20.46
N ASP A 126 11.39 13.68 -19.33
CA ASP A 126 12.66 14.17 -18.86
C ASP A 126 13.27 13.09 -17.97
N PHE A 127 14.59 13.02 -18.03
CA PHE A 127 15.34 12.04 -17.25
C PHE A 127 16.36 12.73 -16.33
N THR A 128 16.06 14.01 -15.95
CA THR A 128 16.99 14.76 -15.14
C THR A 128 17.24 14.05 -13.81
N ALA A 129 16.21 13.49 -13.20
CA ALA A 129 16.40 12.92 -11.88
C ALA A 129 17.21 11.61 -11.96
N LEU A 130 16.98 10.81 -13.00
CA LEU A 130 17.86 9.64 -13.22
C LEU A 130 19.33 10.03 -13.47
N ILE A 131 19.53 11.03 -14.32
CA ILE A 131 20.87 11.54 -14.57
C ILE A 131 21.55 12.04 -13.30
N ASP A 132 20.83 12.84 -12.49
CA ASP A 132 21.39 13.35 -11.31
C ASP A 132 21.74 12.21 -10.37
N PHE A 133 20.86 11.23 -10.28
CA PHE A 133 21.12 10.09 -9.41
C PHE A 133 22.45 9.43 -9.79
N TRP A 134 22.57 9.09 -11.06
CA TRP A 134 23.67 8.31 -11.54
C TRP A 134 24.99 9.11 -11.46
N ASP A 135 24.93 10.36 -11.93
CA ASP A 135 26.13 11.21 -12.04
C ASP A 135 26.46 11.99 -10.75
N LYS A 136 25.46 12.45 -9.97
CA LYS A 136 25.69 13.45 -8.98
C LYS A 136 25.36 12.98 -7.58
N VAL A 137 24.78 11.80 -7.46
CA VAL A 137 24.48 11.31 -6.14
C VAL A 137 25.36 10.09 -5.89
N LEU A 138 25.37 9.13 -6.83
CA LEU A 138 26.11 7.89 -6.63
C LEU A 138 27.61 8.17 -6.56
N GLU A 139 28.34 7.33 -5.79
CA GLU A 139 29.79 7.33 -5.93
C GLU A 139 30.11 6.69 -7.29
N GLU A 140 31.30 6.98 -7.84
CA GLU A 140 31.65 6.49 -9.16
C GLU A 140 31.64 4.95 -9.16
N ALA A 141 32.10 4.33 -8.08
CA ALA A 141 32.06 2.85 -7.97
C ALA A 141 30.64 2.28 -7.89
N GLU A 142 29.76 3.03 -7.24
CA GLU A 142 28.37 2.66 -7.19
C GLU A 142 27.73 2.74 -8.58
N ALA A 143 28.03 3.83 -9.31
CA ALA A 143 27.49 3.98 -10.65
C ALA A 143 28.02 2.83 -11.52
N GLN A 144 29.31 2.44 -11.34
CA GLN A 144 29.87 1.35 -12.11
C GLN A 144 29.13 0.03 -11.86
N HIS A 145 28.84 -0.26 -10.60
CA HIS A 145 28.15 -1.45 -10.24
C HIS A 145 26.72 -1.43 -10.79
N LEU A 146 26.14 -0.22 -10.80
CA LEU A 146 24.81 -0.02 -11.40
C LEU A 146 24.84 -0.46 -12.88
N TYR A 147 25.75 0.04 -13.69
CA TYR A 147 25.64 -0.23 -15.15
C TYR A 147 26.30 -1.53 -15.57
N GLN A 148 27.24 -2.07 -14.77
CA GLN A 148 27.90 -3.33 -15.08
C GLN A 148 27.08 -4.53 -14.61
N SER A 149 26.30 -4.37 -13.56
CA SER A 149 25.68 -5.52 -12.95
C SER A 149 24.17 -5.37 -12.74
N ILE A 150 23.77 -4.36 -11.98
CA ILE A 150 22.38 -4.24 -11.56
C ILE A 150 21.47 -4.00 -12.77
N LEU A 151 21.78 -2.98 -13.60
CA LEU A 151 20.86 -2.72 -14.73
C LEU A 151 20.76 -3.90 -15.68
N PRO A 152 21.88 -4.53 -16.11
CA PRO A 152 21.80 -5.73 -16.96
C PRO A 152 20.98 -6.85 -16.35
N ASP A 153 21.16 -7.07 -15.04
CA ASP A 153 20.37 -8.13 -14.33
C ASP A 153 18.89 -7.77 -14.36
N MET A 154 18.57 -6.50 -14.12
CA MET A 154 17.16 -6.05 -14.23
C MET A 154 16.64 -6.26 -15.66
N VAL A 155 17.42 -5.90 -16.71
CA VAL A 155 16.97 -6.16 -18.05
C VAL A 155 16.63 -7.64 -18.20
N LYS A 156 17.53 -8.51 -17.75
CA LYS A 156 17.32 -9.96 -17.95
C LYS A 156 16.04 -10.45 -17.27
N ILE A 157 15.73 -9.97 -16.04
CA ILE A 157 14.51 -10.44 -15.36
C ILE A 157 13.29 -9.84 -16.05
N ALA A 158 13.44 -8.62 -16.57
CA ALA A 158 12.33 -8.02 -17.34
C ALA A 158 12.03 -8.84 -18.60
N LEU A 159 13.07 -9.18 -19.34
CA LEU A 159 12.87 -9.83 -20.62
C LEU A 159 12.47 -11.31 -20.43
N CYS A 160 12.68 -11.87 -19.24
CA CYS A 160 12.19 -13.21 -18.90
C CYS A 160 10.68 -13.29 -18.62
N LEU A 161 9.95 -12.15 -18.66
CA LEU A 161 8.54 -12.08 -18.30
C LEU A 161 7.68 -13.18 -18.90
N PRO A 162 7.79 -13.49 -20.21
CA PRO A 162 6.90 -14.53 -20.77
C PRO A 162 7.05 -15.90 -20.09
N ASN A 163 8.28 -16.21 -19.61
CA ASN A 163 8.53 -17.50 -18.99
C ASN A 163 8.20 -17.46 -17.50
N ILE A 164 8.01 -16.28 -16.95
CA ILE A 164 7.76 -16.09 -15.52
C ILE A 164 6.28 -15.88 -15.26
N CYS A 165 5.71 -14.90 -15.93
CA CYS A 165 4.32 -14.54 -15.77
C CYS A 165 3.51 -15.14 -16.95
N THR A 166 3.31 -16.45 -16.87
CA THR A 166 2.74 -17.20 -17.96
C THR A 166 1.20 -17.07 -17.98
N GLN A 167 0.59 -16.66 -16.85
CA GLN A 167 -0.85 -16.65 -16.72
C GLN A 167 -1.37 -15.23 -16.71
N PRO A 168 -2.37 -14.90 -17.54
CA PRO A 168 -2.95 -13.55 -17.58
C PRO A 168 -3.34 -13.12 -16.17
N ILE A 169 -3.10 -11.82 -15.88
CA ILE A 169 -3.42 -11.26 -14.60
C ILE A 169 -4.66 -10.41 -14.73
N PRO A 170 -5.76 -10.81 -14.07
CA PRO A 170 -7.01 -10.08 -14.20
C PRO A 170 -6.86 -8.73 -13.49
N LEU A 171 -7.51 -7.70 -14.00
CA LEU A 171 -7.62 -6.50 -13.29
C LEU A 171 -8.55 -6.69 -12.09
N LEU A 172 -8.13 -6.08 -10.94
CA LEU A 172 -8.99 -5.91 -9.80
C LEU A 172 -9.81 -4.63 -10.01
N ALA A 173 -10.89 -4.78 -10.77
CA ALA A 173 -11.72 -3.67 -11.15
C ALA A 173 -12.70 -3.31 -10.00
N ALA A 174 -13.22 -2.10 -10.09
CA ALA A 174 -14.23 -1.55 -9.17
C ALA A 174 -15.38 -2.55 -9.03
N ALA A 175 -15.73 -2.76 -7.78
CA ALA A 175 -16.81 -3.60 -7.27
C ALA A 175 -16.47 -5.08 -7.28
N MET A 176 -15.24 -5.45 -7.70
CA MET A 176 -14.84 -6.82 -7.73
C MET A 176 -14.37 -7.23 -6.34
N ASN A 177 -14.79 -8.41 -5.91
CA ASN A 177 -14.26 -9.07 -4.73
C ASN A 177 -13.44 -10.25 -5.22
N HIS A 178 -12.13 -10.05 -5.36
CA HIS A 178 -11.28 -10.97 -6.09
C HIS A 178 -9.88 -10.89 -5.50
N SER A 179 -9.17 -12.02 -5.56
CA SER A 179 -7.78 -12.12 -5.08
C SER A 179 -6.84 -12.66 -6.16
N ILE A 180 -5.58 -12.13 -6.16
CA ILE A 180 -4.48 -12.62 -7.00
C ILE A 180 -3.37 -13.05 -6.08
N THR A 181 -2.98 -14.33 -6.14
CA THR A 181 -1.80 -14.84 -5.43
C THR A 181 -0.72 -15.18 -6.46
N MET A 182 0.43 -14.50 -6.38
CA MET A 182 1.46 -14.62 -7.32
C MET A 182 2.78 -14.73 -6.54
N SER A 183 3.84 -15.13 -7.22
CA SER A 183 5.13 -15.21 -6.58
C SER A 183 5.81 -13.86 -6.48
N GLN A 184 6.65 -13.75 -5.42
CA GLN A 184 7.58 -12.61 -5.34
C GLN A 184 8.46 -12.50 -6.59
N GLU A 185 8.85 -13.64 -7.18
CA GLU A 185 9.66 -13.65 -8.39
C GLU A 185 8.92 -13.01 -9.57
N GLN A 186 7.66 -13.43 -9.72
CA GLN A 186 6.79 -12.87 -10.77
C GLN A 186 6.67 -11.35 -10.60
N ILE A 187 6.51 -10.88 -9.36
CA ILE A 187 6.41 -9.44 -9.10
C ILE A 187 7.70 -8.74 -9.50
N ALA A 188 8.84 -9.38 -9.18
CA ALA A 188 10.13 -8.81 -9.52
C ALA A 188 10.25 -8.55 -11.06
N SER A 189 9.86 -9.55 -11.84
CA SER A 189 9.93 -9.41 -13.32
C SER A 189 9.00 -8.27 -13.77
N LEU A 190 7.76 -8.26 -13.23
CA LEU A 190 6.84 -7.19 -13.55
C LEU A 190 7.38 -5.80 -13.16
N LEU A 191 7.96 -5.64 -11.98
CA LEU A 191 8.49 -4.35 -11.54
C LEU A 191 9.70 -3.92 -12.37
N ALA A 192 10.53 -4.86 -12.84
CA ALA A 192 11.61 -4.53 -13.69
C ALA A 192 11.11 -3.96 -15.02
N ASN A 193 10.06 -4.58 -15.54
CA ASN A 193 9.30 -4.01 -16.72
C ASN A 193 8.80 -2.58 -16.41
N ALA A 194 8.22 -2.34 -15.22
CA ALA A 194 7.76 -1.03 -14.90
C ALA A 194 8.94 -0.02 -14.86
N PHE A 195 10.06 -0.41 -14.28
CA PHE A 195 11.27 0.44 -14.28
C PHE A 195 11.64 0.87 -15.72
N PHE A 196 11.69 -0.11 -16.65
CA PHE A 196 12.03 0.17 -18.04
C PHE A 196 10.84 0.71 -18.85
N CYS A 197 9.73 1.01 -18.19
CA CYS A 197 8.58 1.69 -18.77
C CYS A 197 8.07 0.90 -19.97
N THR A 198 7.92 -0.43 -19.79
CA THR A 198 7.52 -1.28 -20.92
C THR A 198 6.03 -1.53 -20.93
N PHE A 199 5.27 -1.19 -19.90
CA PHE A 199 3.81 -1.54 -19.93
C PHE A 199 3.06 -0.69 -20.96
N PRO A 200 2.38 -1.35 -21.90
CA PRO A 200 1.72 -0.61 -22.99
C PRO A 200 0.45 0.06 -22.53
N ARG A 201 0.10 1.14 -23.21
CA ARG A 201 -1.24 1.74 -23.13
C ARG A 201 -1.42 2.33 -21.73
N ARG A 202 -0.34 2.61 -21.00
CA ARG A 202 -0.40 3.03 -19.61
C ARG A 202 0.22 4.42 -19.44
N ASN A 203 0.43 5.15 -20.56
CA ASN A 203 1.09 6.45 -20.46
C ASN A 203 0.13 7.61 -20.84
N ALA A 204 -1.06 7.29 -21.39
CA ALA A 204 -1.71 8.07 -22.58
C ALA A 204 -2.05 9.55 -22.30
N LYS A 205 -3.15 10.07 -22.88
CA LYS A 205 -3.73 11.37 -22.51
C LYS A 205 -4.37 11.26 -21.12
N TYR A 210 -7.77 3.52 -18.83
CA TYR A 210 -6.86 3.44 -17.69
C TYR A 210 -6.78 4.80 -16.95
N SER A 211 -7.67 5.76 -17.21
CA SER A 211 -7.66 6.99 -16.40
C SER A 211 -8.19 6.65 -14.99
N SER A 212 -8.67 5.42 -14.78
CA SER A 212 -9.13 5.01 -13.48
C SER A 212 -8.12 4.05 -12.84
N TYR A 213 -6.92 3.97 -13.41
CA TYR A 213 -5.87 3.15 -12.79
C TYR A 213 -4.66 4.03 -12.47
N PRO A 214 -3.87 3.68 -11.44
CA PRO A 214 -2.68 4.47 -11.10
C PRO A 214 -1.65 4.24 -12.23
N ASP A 215 -0.67 5.13 -12.34
CA ASP A 215 0.52 4.95 -13.15
C ASP A 215 1.30 3.73 -12.66
N ILE A 216 1.84 2.97 -13.62
CA ILE A 216 2.68 1.81 -13.25
C ILE A 216 4.09 2.01 -13.82
N ASN A 217 4.24 2.49 -15.06
CA ASN A 217 5.57 2.72 -15.55
C ASN A 217 6.26 3.80 -14.71
N PHE A 218 7.58 3.70 -14.58
CA PHE A 218 8.39 4.52 -13.63
C PHE A 218 8.92 5.82 -14.23
N ASN A 219 8.34 6.24 -15.35
CA ASN A 219 8.93 7.38 -16.05
C ASN A 219 9.00 8.64 -15.17
N ARG A 220 7.96 8.89 -14.38
CA ARG A 220 7.95 10.10 -13.56
C ARG A 220 8.98 10.03 -12.41
N LEU A 221 9.51 8.87 -12.07
CA LEU A 221 10.63 8.79 -11.11
C LEU A 221 11.90 9.42 -11.66
N PHE A 222 11.98 9.48 -12.99
CA PHE A 222 13.19 9.89 -13.65
C PHE A 222 13.15 11.39 -13.95
N GLU A 223 11.97 12.02 -13.82
CA GLU A 223 11.81 13.39 -14.36
C GLU A 223 12.00 14.44 -13.26
N GLY A 224 12.40 15.61 -13.75
CA GLY A 224 12.34 16.84 -13.01
C GLY A 224 13.58 16.99 -12.19
N ARG A 225 13.76 18.20 -11.65
CA ARG A 225 14.79 18.41 -10.70
C ARG A 225 14.21 17.96 -9.37
N SER A 226 14.96 17.16 -8.65
CA SER A 226 14.38 16.51 -7.45
C SER A 226 15.47 15.93 -6.49
N SER A 227 15.31 16.13 -5.16
CA SER A 227 16.26 15.49 -4.13
C SER A 227 15.62 14.20 -3.61
N ARG A 228 14.29 14.18 -3.61
CA ARG A 228 13.56 13.01 -3.15
C ARG A 228 13.85 11.84 -4.09
N LYS A 229 13.87 12.13 -5.39
CA LYS A 229 13.79 11.04 -6.40
C LYS A 229 15.07 10.20 -6.33
N PRO A 230 16.26 10.79 -6.18
CA PRO A 230 17.48 9.98 -6.03
C PRO A 230 17.38 9.03 -4.80
N GLU A 231 16.73 9.45 -3.69
CA GLU A 231 16.58 8.58 -2.52
C GLU A 231 15.55 7.45 -2.78
N LYS A 232 14.48 7.80 -3.51
CA LYS A 232 13.53 6.80 -3.99
C LYS A 232 14.27 5.75 -4.83
N LEU A 233 15.13 6.23 -5.74
CA LEU A 233 15.88 5.29 -6.62
C LEU A 233 16.84 4.47 -5.80
N LYS A 234 17.52 5.04 -4.76
CA LYS A 234 18.38 4.19 -3.88
C LYS A 234 17.54 3.07 -3.28
N THR A 235 16.33 3.41 -2.88
CA THR A 235 15.47 2.43 -2.22
C THR A 235 15.07 1.32 -3.20
N LEU A 236 14.66 1.71 -4.41
CA LEU A 236 14.26 0.72 -5.37
C LEU A 236 15.44 -0.10 -5.85
N PHE A 237 16.60 0.51 -6.06
CA PHE A 237 17.76 -0.29 -6.51
C PHE A 237 18.22 -1.29 -5.42
N CYS A 238 18.02 -0.94 -4.15
CA CYS A 238 18.32 -1.89 -3.06
C CYS A 238 17.51 -3.17 -3.26
N TYR A 239 16.20 -2.98 -3.54
CA TYR A 239 15.29 -4.08 -3.89
C TYR A 239 15.75 -4.86 -5.13
N PHE A 240 16.02 -4.13 -6.21
CA PHE A 240 16.33 -4.80 -7.46
C PHE A 240 17.66 -5.54 -7.35
N ARG A 241 18.62 -4.98 -6.59
CA ARG A 241 19.91 -5.68 -6.43
C ARG A 241 19.61 -7.02 -5.75
N ARG A 242 18.74 -6.97 -4.75
CA ARG A 242 18.44 -8.18 -3.94
C ARG A 242 17.78 -9.26 -4.79
N VAL A 243 16.72 -8.89 -5.53
CA VAL A 243 15.88 -9.93 -6.13
C VAL A 243 16.51 -10.44 -7.42
N THR A 244 17.41 -9.67 -8.02
CA THR A 244 18.23 -10.14 -9.17
C THR A 244 19.44 -10.96 -8.69
N ALA A 245 19.96 -10.74 -7.49
CA ALA A 245 21.10 -11.53 -6.96
C ALA A 245 20.63 -12.93 -6.61
N ALA A 246 19.36 -13.07 -6.21
CA ALA A 246 18.83 -14.34 -5.82
C ALA A 246 17.31 -14.28 -5.87
N ALA A 247 16.66 -15.16 -6.63
CA ALA A 247 15.19 -15.13 -6.65
C ALA A 247 14.59 -15.23 -5.24
N PRO A 248 13.61 -14.37 -4.93
CA PRO A 248 12.76 -14.50 -3.74
C PRO A 248 11.81 -15.72 -3.89
N THR A 249 11.51 -16.40 -2.78
CA THR A 249 10.86 -17.74 -2.82
C THR A 249 9.38 -17.73 -2.43
N GLY A 250 8.88 -16.60 -1.91
CA GLY A 250 7.55 -16.56 -1.35
C GLY A 250 6.46 -16.16 -2.33
N LEU A 251 5.25 -16.11 -1.80
CA LEU A 251 4.06 -15.61 -2.49
C LEU A 251 3.53 -14.34 -1.85
N VAL A 252 2.73 -13.61 -2.66
CA VAL A 252 1.98 -12.42 -2.17
C VAL A 252 0.55 -12.53 -2.71
N THR A 253 -0.40 -12.16 -1.88
CA THR A 253 -1.80 -12.09 -2.28
C THR A 253 -2.26 -10.65 -2.27
N PHE A 254 -2.94 -10.25 -3.36
CA PHE A 254 -3.62 -8.98 -3.43
C PHE A 254 -5.13 -9.19 -3.49
N THR A 255 -5.89 -8.61 -2.57
CA THR A 255 -7.35 -8.86 -2.50
C THR A 255 -8.05 -7.50 -2.53
N ARG A 256 -8.93 -7.29 -3.50
CA ARG A 256 -9.85 -6.21 -3.46
C ARG A 256 -11.08 -6.66 -2.71
N GLN A 257 -11.51 -5.83 -1.72
CA GLN A 257 -12.67 -6.09 -0.92
C GLN A 257 -13.63 -4.90 -1.08
N SER A 258 -14.88 -5.22 -1.40
CA SER A 258 -15.91 -4.21 -1.77
C SER A 258 -17.15 -4.61 -1.01
N LEU A 259 -17.60 -3.85 0.00
CA LEU A 259 -18.67 -4.29 0.88
C LEU A 259 -19.96 -3.64 0.39
N GLU A 260 -21.05 -4.41 0.44
CA GLU A 260 -22.36 -3.95 0.02
C GLU A 260 -23.14 -3.37 1.19
N ASP A 261 -23.01 -3.97 2.38
CA ASP A 261 -23.80 -3.54 3.50
C ASP A 261 -22.84 -3.04 4.60
N PHE A 262 -23.23 -1.91 5.22
CA PHE A 262 -22.43 -1.30 6.28
C PHE A 262 -23.25 -1.15 7.54
N PRO A 263 -22.60 -1.09 8.70
CA PRO A 263 -23.28 -1.02 10.00
C PRO A 263 -24.19 0.21 10.05
N GLU A 264 -25.30 0.04 10.79
CA GLU A 264 -26.13 1.15 11.25
C GLU A 264 -25.48 1.68 12.52
N TRP A 265 -24.51 2.58 12.33
CA TRP A 265 -23.60 3.01 13.37
C TRP A 265 -24.35 3.41 14.64
N GLU A 266 -25.43 4.19 14.45
CA GLU A 266 -26.19 4.69 15.57
C GLU A 266 -26.80 3.54 16.38
N ARG A 267 -27.03 2.36 15.77
CA ARG A 267 -27.73 1.27 16.48
C ARG A 267 -26.74 0.21 16.95
N CYS A 268 -25.42 0.43 16.71
CA CYS A 268 -24.45 -0.64 16.93
C CYS A 268 -24.21 -0.80 18.42
N GLU A 269 -24.51 -2.01 18.93
CA GLU A 269 -24.43 -2.32 20.36
C GLU A 269 -23.13 -3.00 20.77
N LYS A 270 -22.14 -3.07 19.88
CA LYS A 270 -20.86 -3.66 20.22
C LYS A 270 -20.08 -2.77 21.19
N PRO A 271 -19.35 -3.42 22.11
CA PRO A 271 -18.48 -2.67 22.99
C PRO A 271 -17.21 -2.21 22.22
N LEU A 272 -16.52 -1.23 22.81
CA LEU A 272 -15.22 -0.92 22.31
C LEU A 272 -14.24 -2.07 22.58
N THR A 273 -13.16 -2.11 21.80
CA THR A 273 -12.10 -3.13 22.00
C THR A 273 -10.89 -2.52 22.71
N ARG A 274 -9.79 -3.25 22.80
CA ARG A 274 -8.67 -2.78 23.58
C ARG A 274 -7.85 -1.79 22.73
N LEU A 275 -7.09 -0.96 23.42
CA LEU A 275 -6.26 0.05 22.84
C LEU A 275 -4.87 0.05 23.47
N HIS A 276 -3.82 0.02 22.63
CA HIS A 276 -2.46 0.38 22.97
C HIS A 276 -2.17 1.67 22.22
N VAL A 277 -1.69 2.72 22.88
CA VAL A 277 -1.34 3.93 22.12
C VAL A 277 0.03 4.43 22.57
N THR A 278 0.88 4.82 21.61
CA THR A 278 2.26 5.19 21.90
C THR A 278 2.70 6.29 20.91
N TYR A 279 3.53 7.21 21.37
CA TYR A 279 4.16 8.21 20.52
C TYR A 279 5.53 7.75 19.98
N GLU A 280 6.02 6.56 20.32
CA GLU A 280 7.22 6.06 19.78
C GLU A 280 6.90 4.88 18.87
N GLY A 281 7.74 4.66 17.89
CA GLY A 281 7.62 3.44 17.06
C GLY A 281 6.90 3.74 15.75
N THR A 282 6.87 2.73 14.88
CA THR A 282 6.19 2.83 13.62
C THR A 282 5.28 1.64 13.44
N ILE A 283 4.30 1.84 12.57
CA ILE A 283 3.41 0.74 12.11
C ILE A 283 4.26 -0.46 11.65
N GLU A 284 5.23 -0.16 10.78
CA GLU A 284 5.94 -1.27 10.07
C GLU A 284 6.91 -1.99 11.03
N GLU A 285 7.52 -1.31 12.01
CA GLU A 285 8.48 -2.03 12.81
C GLU A 285 7.82 -2.61 14.06
N ASN A 286 6.96 -1.79 14.67
CA ASN A 286 6.38 -2.12 15.97
C ASN A 286 5.01 -2.84 15.84
N GLY A 287 4.45 -2.85 14.65
CA GLY A 287 3.20 -3.54 14.38
C GLY A 287 3.40 -4.80 13.60
N GLN A 288 4.53 -5.47 13.81
CA GLN A 288 4.79 -6.74 13.13
C GLN A 288 3.66 -7.75 13.40
N GLY A 289 3.19 -8.39 12.33
CA GLY A 289 2.22 -9.37 12.45
C GLY A 289 0.80 -8.84 12.66
N MET A 290 0.61 -7.51 12.67
CA MET A 290 -0.71 -6.86 12.89
C MET A 290 -1.24 -6.37 11.55
N LEU A 291 -2.54 -6.01 11.51
CA LEU A 291 -3.09 -5.46 10.30
C LEU A 291 -2.55 -4.04 10.19
N GLN A 292 -1.63 -3.83 9.22
CA GLN A 292 -0.96 -2.56 9.11
C GLN A 292 -1.65 -1.64 8.13
N VAL A 293 -2.00 -0.43 8.58
CA VAL A 293 -2.73 0.51 7.74
C VAL A 293 -1.73 1.25 6.85
N ASP A 294 -2.09 1.31 5.57
CA ASP A 294 -1.55 2.21 4.60
C ASP A 294 -2.52 3.37 4.45
N PHE A 295 -2.03 4.57 4.76
CA PHE A 295 -2.83 5.78 4.61
C PHE A 295 -2.86 6.14 3.13
N ALA A 296 -3.73 5.45 2.40
CA ALA A 296 -3.67 5.33 1.00
C ALA A 296 -4.28 6.54 0.29
N ASN A 297 -3.83 6.74 -0.96
CA ASN A 297 -4.59 7.48 -1.99
C ASN A 297 -5.64 6.53 -2.63
N ARG A 298 -6.75 7.10 -3.13
CA ARG A 298 -7.72 6.23 -3.79
C ARG A 298 -7.07 5.54 -4.99
N PHE A 299 -6.10 6.18 -5.62
CA PHE A 299 -5.19 5.49 -6.56
C PHE A 299 -4.07 4.90 -5.71
N VAL A 300 -4.13 3.57 -5.51
CA VAL A 300 -3.29 2.98 -4.47
C VAL A 300 -1.83 3.27 -4.79
N GLY A 301 -1.07 3.55 -3.74
CA GLY A 301 0.33 3.87 -3.87
C GLY A 301 0.60 5.36 -4.05
N GLY A 302 -0.44 6.11 -4.35
CA GLY A 302 -0.31 7.54 -4.31
C GLY A 302 0.67 8.04 -5.35
N GLY A 303 1.66 8.81 -4.88
CA GLY A 303 2.63 9.33 -5.80
C GLY A 303 3.95 8.56 -5.77
N VAL A 304 3.88 7.27 -5.45
CA VAL A 304 5.11 6.51 -5.32
C VAL A 304 5.90 6.52 -6.66
N THR A 305 5.28 6.48 -7.82
CA THR A 305 6.02 6.43 -9.11
C THR A 305 6.36 7.84 -9.60
N SER A 306 6.08 8.86 -8.76
CA SER A 306 6.22 10.28 -9.13
C SER A 306 6.90 11.02 -7.97
N ALA A 307 6.30 12.10 -7.42
CA ALA A 307 6.98 12.91 -6.40
C ALA A 307 6.62 12.57 -4.95
N GLY A 308 5.59 11.79 -4.70
CA GLY A 308 5.09 11.66 -3.36
C GLY A 308 6.05 10.89 -2.46
N LEU A 309 6.16 11.31 -1.18
CA LEU A 309 7.06 10.61 -0.25
C LEU A 309 6.62 10.80 1.20
N VAL A 310 5.35 10.48 1.49
CA VAL A 310 4.91 10.38 2.84
C VAL A 310 4.50 8.94 3.14
N GLN A 311 3.61 8.68 4.10
CA GLN A 311 3.50 7.36 4.73
C GLN A 311 3.24 6.25 3.68
N GLU A 312 2.30 6.45 2.77
CA GLU A 312 2.01 5.40 1.75
C GLU A 312 3.21 5.15 0.85
N GLU A 313 3.74 6.23 0.26
CA GLU A 313 4.84 6.04 -0.69
C GLU A 313 6.08 5.44 0.00
N ILE A 314 6.38 5.84 1.24
CA ILE A 314 7.47 5.21 1.96
C ILE A 314 7.23 3.71 2.11
N ARG A 315 6.02 3.30 2.48
CA ARG A 315 5.79 1.86 2.69
C ARG A 315 6.00 1.18 1.34
N PHE A 316 5.45 1.77 0.27
CA PHE A 316 5.56 1.14 -1.05
C PHE A 316 7.02 1.08 -1.55
N LEU A 317 7.93 1.93 -1.03
CA LEU A 317 9.33 1.86 -1.45
C LEU A 317 10.09 0.83 -0.65
N ILE A 318 9.79 0.72 0.65
CA ILE A 318 10.55 -0.21 1.52
C ILE A 318 10.02 -1.63 1.31
N ASN A 319 8.78 -1.76 0.84
CA ASN A 319 8.15 -3.06 0.49
C ASN A 319 7.70 -2.94 -0.95
N PRO A 320 8.62 -2.93 -1.94
CA PRO A 320 8.26 -2.58 -3.33
C PRO A 320 7.30 -3.52 -4.02
N GLU A 321 7.14 -4.75 -3.49
CA GLU A 321 6.11 -5.63 -4.09
C GLU A 321 4.77 -4.94 -3.98
N LEU A 322 4.55 -4.01 -3.02
CA LEU A 322 3.28 -3.27 -3.01
C LEU A 322 3.02 -2.51 -4.30
N ILE A 323 4.11 -2.01 -4.91
CA ILE A 323 3.99 -1.16 -6.09
C ILE A 323 3.20 -1.85 -7.20
N ILE A 324 3.37 -3.16 -7.34
CA ILE A 324 2.73 -3.84 -8.47
C ILE A 324 1.21 -3.82 -8.36
N SER A 325 0.65 -3.56 -7.16
CA SER A 325 -0.79 -3.33 -7.08
C SER A 325 -1.29 -2.29 -8.09
N ARG A 326 -0.45 -1.30 -8.41
CA ARG A 326 -0.80 -0.26 -9.36
C ARG A 326 -1.00 -0.80 -10.78
N LEU A 327 -0.40 -1.94 -11.09
CA LEU A 327 -0.57 -2.51 -12.43
C LEU A 327 -2.03 -2.95 -12.64
N PHE A 328 -2.71 -3.38 -11.56
CA PHE A 328 -3.96 -4.06 -11.74
C PHE A 328 -5.10 -3.59 -10.83
N THR A 329 -4.90 -2.56 -10.02
CA THR A 329 -5.93 -2.16 -9.06
C THR A 329 -6.57 -0.83 -9.48
N GLU A 330 -7.85 -0.90 -9.82
CA GLU A 330 -8.63 0.28 -10.17
C GLU A 330 -8.82 1.18 -8.93
N VAL A 331 -8.89 2.48 -9.16
CA VAL A 331 -9.16 3.49 -8.18
C VAL A 331 -10.24 2.96 -7.23
N LEU A 332 -10.00 3.11 -5.93
CA LEU A 332 -10.93 2.58 -4.88
C LEU A 332 -12.18 3.50 -4.74
N ASP A 333 -13.35 2.88 -4.73
CA ASP A 333 -14.58 3.61 -4.44
C ASP A 333 -14.72 3.65 -2.92
N HIS A 334 -15.75 4.37 -2.46
CA HIS A 334 -15.88 4.66 -1.03
C HIS A 334 -16.04 3.39 -0.20
N ASN A 335 -16.56 2.30 -0.77
CA ASN A 335 -16.87 1.12 -0.06
C ASN A 335 -15.77 0.03 -0.20
N GLU A 336 -14.60 0.41 -0.72
CA GLU A 336 -13.59 -0.60 -1.11
C GLU A 336 -12.25 -0.37 -0.41
N CYS A 337 -11.48 -1.44 -0.38
CA CYS A 337 -10.07 -1.39 0.04
C CYS A 337 -9.27 -2.43 -0.75
N LEU A 338 -7.94 -2.36 -0.60
CA LEU A 338 -7.02 -3.38 -1.11
C LEU A 338 -6.21 -3.92 0.08
N ILE A 339 -6.22 -5.28 0.21
CA ILE A 339 -5.51 -5.99 1.29
C ILE A 339 -4.37 -6.76 0.64
N ILE A 340 -3.12 -6.54 1.11
CA ILE A 340 -1.99 -7.20 0.54
C ILE A 340 -1.28 -8.00 1.63
N THR A 341 -1.11 -9.32 1.39
CA THR A 341 -0.53 -10.21 2.36
C THR A 341 0.74 -10.80 1.75
N GLY A 342 1.86 -10.72 2.48
CA GLY A 342 3.08 -11.36 2.06
C GLY A 342 4.19 -10.41 1.53
N THR A 343 3.98 -9.10 1.45
CA THR A 343 5.11 -8.28 0.96
C THR A 343 6.25 -8.31 1.96
N GLU A 344 7.45 -8.24 1.40
CA GLU A 344 8.72 -8.27 2.10
C GLU A 344 9.34 -6.88 2.23
N GLN A 345 9.94 -6.60 3.39
CA GLN A 345 10.66 -5.34 3.55
C GLN A 345 12.14 -5.56 3.16
N TYR A 346 12.61 -4.75 2.19
CA TYR A 346 13.92 -4.82 1.66
C TYR A 346 14.82 -3.68 2.10
N SER A 347 14.27 -2.57 2.62
CA SER A 347 15.04 -1.38 2.94
C SER A 347 14.62 -0.87 4.32
N GLU A 348 15.57 -0.17 4.95
CA GLU A 348 15.28 0.72 6.09
C GLU A 348 15.55 2.17 5.69
N TYR A 349 14.91 3.11 6.41
CA TYR A 349 14.95 4.49 6.03
C TYR A 349 14.96 5.38 7.28
N THR A 350 15.18 6.68 7.06
CA THR A 350 14.91 7.75 8.07
C THR A 350 14.13 8.89 7.43
N GLY A 351 13.44 9.70 8.25
CA GLY A 351 12.79 10.86 7.73
C GLY A 351 11.53 10.56 6.94
N TYR A 352 11.02 11.59 6.33
CA TYR A 352 9.84 11.57 5.44
C TYR A 352 9.82 12.85 4.62
N ALA A 353 9.22 12.78 3.45
CA ALA A 353 9.13 13.92 2.55
C ALA A 353 10.54 14.48 2.27
N GLU A 354 10.80 15.75 2.60
CA GLU A 354 12.07 16.37 2.29
C GLU A 354 13.25 15.78 3.07
N THR A 355 13.00 15.05 4.17
CA THR A 355 14.08 14.48 4.94
C THR A 355 14.24 12.97 4.72
N TYR A 356 13.38 12.41 3.87
CA TYR A 356 13.46 10.94 3.65
C TYR A 356 14.87 10.60 3.15
N ARG A 357 15.46 9.56 3.73
CA ARG A 357 16.69 8.99 3.23
C ARG A 357 16.71 7.47 3.35
N TRP A 358 17.18 6.82 2.29
CA TRP A 358 17.44 5.41 2.35
C TRP A 358 18.62 5.17 3.27
N SER A 359 18.49 4.21 4.15
CA SER A 359 19.49 3.92 5.17
C SER A 359 20.37 2.74 4.75
N ARG A 360 19.74 1.60 4.51
CA ARG A 360 20.46 0.34 4.36
C ARG A 360 19.47 -0.75 3.94
N SER A 361 20.04 -1.87 3.47
CA SER A 361 19.24 -3.03 3.13
C SER A 361 18.69 -3.63 4.42
N HIS A 362 17.50 -4.21 4.36
CA HIS A 362 16.83 -4.84 5.49
C HIS A 362 16.62 -6.31 5.14
N GLU A 363 17.06 -7.21 6.08
CA GLU A 363 16.82 -8.69 5.96
C GLU A 363 15.56 -9.03 6.72
N ASP A 364 14.45 -9.24 5.99
CA ASP A 364 13.19 -9.36 6.67
C ASP A 364 13.16 -10.69 7.42
N GLY A 365 12.85 -10.62 8.70
CA GLY A 365 12.85 -11.86 9.54
C GLY A 365 11.45 -12.42 9.78
N SER A 366 10.43 -11.92 9.08
CA SER A 366 9.06 -12.36 9.28
C SER A 366 8.96 -13.84 8.93
N GLU A 367 8.20 -14.60 9.73
CA GLU A 367 7.87 -15.96 9.34
C GLU A 367 6.90 -15.94 8.15
N ARG A 368 6.83 -17.07 7.42
CA ARG A 368 5.93 -17.23 6.33
C ARG A 368 4.79 -18.12 6.78
N ASP A 369 3.58 -17.92 6.22
CA ASP A 369 2.44 -18.74 6.48
C ASP A 369 2.46 -19.98 5.56
N ASP A 370 1.41 -20.76 5.63
CA ASP A 370 1.36 -22.03 4.94
C ASP A 370 1.21 -21.87 3.42
N TRP A 371 0.96 -20.63 2.94
CA TRP A 371 1.04 -20.36 1.51
C TRP A 371 2.39 -19.70 1.15
N GLN A 372 3.40 -19.76 2.03
CA GLN A 372 4.73 -19.17 1.83
C GLN A 372 4.61 -17.65 1.63
N ARG A 373 3.67 -17.05 2.34
CA ARG A 373 3.56 -15.58 2.38
C ARG A 373 4.17 -15.08 3.69
N ARG A 374 5.04 -14.07 3.60
CA ARG A 374 5.45 -13.33 4.80
C ARG A 374 4.23 -12.97 5.64
N CYS A 375 4.35 -13.06 6.98
CA CYS A 375 3.24 -12.79 7.88
C CYS A 375 3.21 -11.28 8.09
N THR A 376 2.88 -10.59 7.00
CA THR A 376 2.78 -9.11 6.92
C THR A 376 1.53 -8.81 6.09
N GLU A 377 0.55 -8.18 6.72
CA GLU A 377 -0.74 -7.85 6.05
C GLU A 377 -0.92 -6.36 6.10
N ILE A 378 -1.09 -5.73 4.92
CA ILE A 378 -1.20 -4.32 4.81
C ILE A 378 -2.55 -4.01 4.12
N VAL A 379 -3.27 -3.01 4.62
CA VAL A 379 -4.55 -2.65 4.00
C VAL A 379 -4.44 -1.18 3.56
N ALA A 380 -4.73 -0.96 2.27
CA ALA A 380 -4.82 0.37 1.69
C ALA A 380 -6.25 0.89 1.86
N ILE A 381 -6.41 1.86 2.78
CA ILE A 381 -7.67 2.60 2.96
C ILE A 381 -7.39 4.10 2.81
N ASP A 382 -8.14 4.76 1.90
CA ASP A 382 -7.96 6.12 1.55
C ASP A 382 -8.95 7.00 2.32
N ALA A 383 -8.40 7.89 3.14
CA ALA A 383 -9.23 8.93 3.81
C ALA A 383 -9.66 9.98 2.80
N LEU A 384 -10.65 10.79 3.20
CA LEU A 384 -11.02 11.94 2.42
C LEU A 384 -10.06 13.10 2.66
N HIS A 385 -9.96 13.97 1.63
CA HIS A 385 -9.21 15.22 1.72
C HIS A 385 -10.17 16.36 2.06
N PHE A 386 -10.03 16.95 3.24
CA PHE A 386 -10.88 18.02 3.77
C PHE A 386 -10.19 19.36 3.57
N ARG A 387 -10.58 20.01 2.48
CA ARG A 387 -10.14 21.36 2.21
C ARG A 387 -10.73 22.31 3.29
N ARG A 388 -11.95 22.06 3.78
CA ARG A 388 -12.41 22.82 4.91
C ARG A 388 -12.51 21.91 6.13
N TYR A 389 -11.87 22.35 7.20
CA TYR A 389 -11.70 21.54 8.40
C TYR A 389 -13.02 21.03 8.96
N LEU A 390 -14.03 21.91 9.11
CA LEU A 390 -15.29 21.42 9.70
C LEU A 390 -16.07 20.46 8.82
N ASP A 391 -15.71 20.33 7.53
CA ASP A 391 -16.49 19.46 6.69
C ASP A 391 -16.47 18.02 7.21
N GLN A 392 -15.39 17.65 7.93
CA GLN A 392 -15.22 16.24 8.30
C GLN A 392 -16.15 15.83 9.44
N PHE A 393 -16.76 16.83 10.12
CA PHE A 393 -17.70 16.52 11.17
C PHE A 393 -19.15 16.34 10.71
N VAL A 394 -19.41 16.61 9.43
CA VAL A 394 -20.70 16.37 8.81
C VAL A 394 -21.02 14.88 8.89
N PRO A 395 -22.21 14.48 9.37
CA PRO A 395 -22.50 13.06 9.60
C PRO A 395 -22.10 12.22 8.37
N GLU A 396 -22.44 12.67 7.16
CA GLU A 396 -22.19 11.84 5.91
C GLU A 396 -20.68 11.54 5.80
N LYS A 397 -19.86 12.54 6.13
CA LYS A 397 -18.37 12.42 6.05
C LYS A 397 -17.85 11.55 7.20
N MET A 398 -18.41 11.66 8.44
CA MET A 398 -17.99 10.76 9.47
C MET A 398 -18.36 9.32 9.09
N ARG A 399 -19.57 9.10 8.56
CA ARG A 399 -19.99 7.78 8.23
C ARG A 399 -19.11 7.22 7.11
N ARG A 400 -18.67 8.09 6.24
CA ARG A 400 -17.87 7.63 5.01
C ARG A 400 -16.60 7.05 5.60
N GLU A 401 -15.95 7.82 6.46
CA GLU A 401 -14.62 7.39 7.06
C GLU A 401 -14.83 6.10 7.88
N LEU A 402 -15.88 6.05 8.75
CA LEU A 402 -16.14 4.84 9.51
C LEU A 402 -16.23 3.62 8.56
N ASN A 403 -16.98 3.78 7.48
CA ASN A 403 -17.29 2.68 6.63
C ASN A 403 -16.04 2.27 5.84
N LYS A 404 -15.24 3.25 5.45
CA LYS A 404 -13.99 2.90 4.75
C LYS A 404 -13.09 2.08 5.69
N ALA A 405 -12.87 2.58 6.90
CA ALA A 405 -12.01 1.89 7.87
C ALA A 405 -12.60 0.51 8.17
N TYR A 406 -13.94 0.41 8.32
CA TYR A 406 -14.57 -0.85 8.62
C TYR A 406 -14.32 -1.86 7.50
N CYS A 407 -14.45 -1.41 6.24
CA CYS A 407 -14.18 -2.25 5.11
C CYS A 407 -12.73 -2.77 5.18
N GLY A 408 -11.81 -1.88 5.52
CA GLY A 408 -10.39 -2.22 5.62
C GLY A 408 -10.09 -3.22 6.72
N PHE A 409 -10.90 -3.19 7.79
CA PHE A 409 -10.66 -4.07 8.98
C PHE A 409 -11.43 -5.38 9.00
N LEU A 410 -12.63 -5.41 8.41
CA LEU A 410 -13.46 -6.56 8.49
C LEU A 410 -12.89 -7.74 7.68
N ARG A 411 -12.96 -8.94 8.27
CA ARG A 411 -12.62 -10.14 7.55
C ARG A 411 -13.78 -11.13 7.67
N PRO A 412 -14.71 -11.10 6.69
CA PRO A 412 -15.91 -11.92 6.76
C PRO A 412 -15.48 -13.38 6.88
N GLY A 413 -16.10 -14.05 7.84
CA GLY A 413 -15.94 -15.49 8.05
C GLY A 413 -14.68 -15.81 8.84
N VAL A 414 -14.21 -14.84 9.64
CA VAL A 414 -13.11 -15.06 10.59
C VAL A 414 -13.55 -14.78 12.03
N SER A 415 -13.29 -15.73 12.91
CA SER A 415 -13.53 -15.45 14.34
C SER A 415 -12.60 -14.31 14.79
N SER A 416 -13.08 -13.53 15.76
CA SER A 416 -12.41 -12.37 16.34
C SER A 416 -11.10 -12.78 17.04
N GLU A 417 -11.08 -14.02 17.58
CA GLU A 417 -9.91 -14.52 18.26
C GLU A 417 -8.78 -14.81 17.28
N ASN A 418 -9.05 -14.89 15.99
CA ASN A 418 -8.03 -15.17 14.97
C ASN A 418 -7.65 -13.88 14.22
N LEU A 419 -8.12 -12.72 14.71
CA LEU A 419 -7.85 -11.47 14.02
C LEU A 419 -6.72 -10.80 14.80
N SER A 420 -5.69 -10.38 14.07
CA SER A 420 -4.66 -9.51 14.69
C SER A 420 -5.25 -8.15 15.08
N ALA A 421 -4.55 -7.44 15.95
CA ALA A 421 -4.81 -6.01 16.22
C ALA A 421 -4.53 -5.21 14.93
N VAL A 422 -5.25 -4.12 14.78
CA VAL A 422 -4.99 -3.08 13.77
C VAL A 422 -3.85 -2.19 14.25
N ALA A 423 -2.82 -2.02 13.43
CA ALA A 423 -1.70 -1.15 13.72
C ALA A 423 -1.89 0.08 12.79
N THR A 424 -2.17 1.25 13.41
CA THR A 424 -2.48 2.43 12.63
C THR A 424 -1.89 3.66 13.31
N GLY A 425 -2.28 4.83 12.78
CA GLY A 425 -1.85 6.10 13.30
C GLY A 425 -2.75 7.18 12.75
N ASN A 426 -2.16 8.35 12.51
CA ASN A 426 -2.91 9.57 12.17
C ASN A 426 -3.35 9.58 10.68
N TRP A 427 -4.24 8.65 10.38
CA TRP A 427 -4.85 8.40 9.07
C TRP A 427 -5.50 9.69 8.53
N GLY A 428 -5.00 10.16 7.39
CA GLY A 428 -5.58 11.31 6.70
C GLY A 428 -5.39 12.65 7.44
N CYS A 429 -4.41 12.78 8.36
CA CYS A 429 -4.21 13.98 9.17
C CYS A 429 -3.05 14.88 8.75
N GLY A 430 -2.54 14.73 7.55
CA GLY A 430 -1.46 15.64 7.13
C GLY A 430 -2.03 16.55 6.06
N ALA A 431 -1.62 16.27 4.83
CA ALA A 431 -2.08 16.98 3.65
C ALA A 431 -3.60 16.83 3.49
N PHE A 432 -4.19 15.78 4.08
CA PHE A 432 -5.63 15.59 3.83
C PHE A 432 -6.48 16.38 4.84
N GLY A 433 -5.88 17.06 5.83
CA GLY A 433 -6.66 17.95 6.74
C GLY A 433 -7.54 17.27 7.80
N GLY A 434 -7.31 15.98 8.03
CA GLY A 434 -8.03 15.24 9.07
C GLY A 434 -7.69 15.76 10.45
N ASP A 435 -8.69 15.73 11.35
CA ASP A 435 -8.52 15.97 12.71
C ASP A 435 -8.10 14.66 13.40
N ALA A 436 -6.93 14.69 14.06
CA ALA A 436 -6.33 13.47 14.55
C ALA A 436 -7.20 12.85 15.66
N ARG A 437 -7.80 13.69 16.49
CA ARG A 437 -8.62 13.17 17.57
C ARG A 437 -9.92 12.50 17.03
N LEU A 438 -10.58 13.14 16.06
CA LEU A 438 -11.73 12.56 15.42
C LEU A 438 -11.32 11.27 14.69
N LYS A 439 -10.23 11.34 13.95
CA LYS A 439 -9.82 10.15 13.16
C LYS A 439 -9.50 8.95 14.10
N ALA A 440 -8.91 9.24 15.26
CA ALA A 440 -8.63 8.18 16.22
C ALA A 440 -9.92 7.53 16.67
N LEU A 441 -10.93 8.33 17.07
CA LEU A 441 -12.18 7.75 17.49
C LEU A 441 -12.87 7.02 16.36
N ILE A 442 -12.78 7.53 15.11
CA ILE A 442 -13.39 6.83 13.99
C ILE A 442 -12.74 5.45 13.80
N GLN A 443 -11.41 5.36 13.86
CA GLN A 443 -10.77 4.11 13.69
C GLN A 443 -11.07 3.18 14.86
N ILE A 444 -11.16 3.73 16.09
CA ILE A 444 -11.52 2.90 17.27
C ILE A 444 -12.92 2.29 17.13
N LEU A 445 -13.87 3.09 16.63
CA LEU A 445 -15.24 2.60 16.39
C LEU A 445 -15.26 1.53 15.31
N ALA A 446 -14.60 1.80 14.18
CA ALA A 446 -14.57 0.82 13.08
C ALA A 446 -13.91 -0.50 13.51
N ALA A 447 -12.81 -0.43 14.26
CA ALA A 447 -12.15 -1.60 14.78
C ALA A 447 -13.06 -2.36 15.74
N ALA A 448 -13.76 -1.60 16.59
CA ALA A 448 -14.67 -2.26 17.50
C ALA A 448 -15.74 -3.04 16.71
N ALA A 449 -16.27 -2.43 15.66
CA ALA A 449 -17.35 -3.04 14.86
C ALA A 449 -16.81 -4.26 14.13
N ALA A 450 -15.53 -4.25 13.76
CA ALA A 450 -14.92 -5.41 13.11
C ALA A 450 -14.29 -6.38 14.11
N GLU A 451 -14.43 -6.07 15.40
CA GLU A 451 -14.04 -6.94 16.55
C GLU A 451 -12.52 -7.14 16.55
N ARG A 452 -11.78 -6.04 16.36
CA ARG A 452 -10.35 -6.05 16.40
C ARG A 452 -9.88 -5.02 17.45
N ASP A 453 -8.77 -5.33 18.12
CA ASP A 453 -8.10 -4.39 19.00
C ASP A 453 -7.31 -3.38 18.11
N VAL A 454 -6.86 -2.31 18.75
CA VAL A 454 -6.20 -1.15 18.10
C VAL A 454 -4.87 -0.85 18.78
N VAL A 455 -3.83 -0.81 17.93
CA VAL A 455 -2.52 -0.31 18.31
C VAL A 455 -2.24 0.95 17.50
N TYR A 456 -2.14 2.06 18.18
CA TYR A 456 -2.16 3.44 17.60
C TYR A 456 -0.83 4.11 17.87
N PHE A 457 -0.20 4.56 16.79
CA PHE A 457 1.13 5.23 16.83
C PHE A 457 0.91 6.68 16.52
N THR A 458 1.24 7.56 17.46
CA THR A 458 1.02 8.99 17.28
C THR A 458 2.21 9.73 16.66
N PHE A 459 3.29 9.02 16.28
CA PHE A 459 4.36 9.59 15.46
C PHE A 459 4.96 10.85 16.11
N GLY A 460 5.31 10.71 17.38
CA GLY A 460 6.04 11.68 18.22
C GLY A 460 5.15 12.64 19.03
N ASP A 461 3.83 12.54 18.91
CA ASP A 461 2.89 13.49 19.58
C ASP A 461 2.40 12.87 20.88
N SER A 462 3.09 13.21 21.97
CA SER A 462 2.85 12.58 23.24
C SER A 462 1.52 13.10 23.82
N GLU A 463 1.16 14.36 23.51
CA GLU A 463 -0.11 14.91 24.02
C GLU A 463 -1.27 14.15 23.36
N LEU A 464 -1.17 13.93 22.07
CA LEU A 464 -2.20 13.13 21.39
C LEU A 464 -2.27 11.71 21.97
N MET A 465 -1.14 11.06 22.24
CA MET A 465 -1.18 9.76 22.89
C MET A 465 -2.02 9.84 24.19
N ARG A 466 -1.71 10.81 25.05
CA ARG A 466 -2.41 10.96 26.32
C ARG A 466 -3.93 11.16 26.09
N ASP A 467 -4.27 12.02 25.12
CA ASP A 467 -5.63 12.36 24.84
C ASP A 467 -6.43 11.12 24.35
N ILE A 468 -5.87 10.33 23.42
CA ILE A 468 -6.59 9.21 22.90
C ILE A 468 -6.80 8.19 24.05
N TYR A 469 -5.71 7.92 24.79
CA TYR A 469 -5.78 6.99 25.90
C TYR A 469 -6.91 7.41 26.84
N SER A 470 -6.87 8.68 27.28
CA SER A 470 -7.84 9.20 28.27
C SER A 470 -9.28 9.05 27.79
N MET A 471 -9.55 9.36 26.51
CA MET A 471 -10.89 9.25 26.00
C MET A 471 -11.31 7.78 25.93
N HIS A 472 -10.41 6.90 25.40
CA HIS A 472 -10.74 5.52 25.27
C HIS A 472 -11.06 4.91 26.64
N ILE A 473 -10.26 5.20 27.65
CA ILE A 473 -10.51 4.56 28.91
C ILE A 473 -11.78 5.13 29.56
N PHE A 474 -12.06 6.42 29.33
CA PHE A 474 -13.26 7.06 29.78
C PHE A 474 -14.51 6.35 29.20
N LEU A 475 -14.52 6.12 27.88
CA LEU A 475 -15.66 5.53 27.23
C LEU A 475 -15.83 4.06 27.64
N THR A 476 -14.71 3.33 27.77
CA THR A 476 -14.82 1.92 28.08
C THR A 476 -15.28 1.76 29.53
N GLU A 477 -14.71 2.53 30.46
CA GLU A 477 -15.10 2.37 31.89
C GLU A 477 -16.59 2.60 32.06
N ARG A 478 -17.15 3.49 31.25
CA ARG A 478 -18.62 3.83 31.24
C ARG A 478 -19.44 2.88 30.35
N LYS A 479 -18.76 1.92 29.73
CA LYS A 479 -19.37 0.86 28.99
C LYS A 479 -20.22 1.41 27.83
N LEU A 480 -19.75 2.47 27.18
CA LEU A 480 -20.44 2.99 26.06
C LEU A 480 -20.20 2.10 24.85
N THR A 481 -21.27 1.90 24.11
CA THR A 481 -21.24 1.12 22.85
C THR A 481 -20.72 1.97 21.69
N VAL A 482 -20.38 1.27 20.60
CA VAL A 482 -20.12 1.99 19.32
C VAL A 482 -21.22 3.00 19.00
N GLY A 483 -22.52 2.59 19.15
CA GLY A 483 -23.62 3.48 18.86
C GLY A 483 -23.68 4.67 19.78
N ASP A 484 -23.45 4.45 21.05
CA ASP A 484 -23.41 5.51 22.05
C ASP A 484 -22.40 6.59 21.62
N VAL A 485 -21.22 6.13 21.18
CA VAL A 485 -20.17 7.04 20.82
C VAL A 485 -20.50 7.77 19.52
N TYR A 486 -21.07 7.04 18.54
CA TYR A 486 -21.46 7.64 17.32
C TYR A 486 -22.52 8.71 17.55
N LYS A 487 -23.48 8.43 18.43
CA LYS A 487 -24.50 9.44 18.73
C LYS A 487 -23.86 10.70 19.35
N LEU A 488 -22.83 10.54 20.15
CA LEU A 488 -22.17 11.70 20.70
C LEU A 488 -21.45 12.48 19.62
N LEU A 489 -20.93 11.78 18.59
CA LEU A 489 -20.35 12.52 17.46
C LEU A 489 -21.41 13.33 16.73
N LEU A 490 -22.60 12.75 16.54
CA LEU A 490 -23.70 13.47 15.90
C LEU A 490 -24.10 14.68 16.75
N ARG A 491 -24.15 14.49 18.06
CA ARG A 491 -24.43 15.61 18.96
C ARG A 491 -23.43 16.74 18.72
N TYR A 492 -22.13 16.37 18.66
CA TYR A 492 -21.11 17.36 18.51
C TYR A 492 -21.32 18.14 17.21
N TYR A 493 -21.59 17.41 16.12
CA TYR A 493 -21.90 18.06 14.89
C TYR A 493 -23.13 18.98 15.09
N ASN A 494 -24.21 18.45 15.66
CA ASN A 494 -25.50 19.24 15.64
C ASN A 494 -25.38 20.46 16.58
N GLU A 495 -24.57 20.36 17.65
CA GLU A 495 -24.53 21.41 18.69
C GLU A 495 -23.38 22.40 18.46
N GLU A 496 -22.26 21.97 17.88
CA GLU A 496 -21.04 22.80 17.80
C GLU A 496 -20.57 23.11 16.38
N CYS A 497 -21.00 22.37 15.37
CA CYS A 497 -20.44 22.49 14.08
C CYS A 497 -21.45 23.00 13.05
N ARG A 498 -22.67 22.42 13.05
CA ARG A 498 -23.66 22.61 11.97
C ARG A 498 -23.92 24.10 11.78
N ASN A 499 -24.07 24.82 12.87
CA ASN A 499 -24.55 26.21 12.85
C ASN A 499 -23.38 27.12 13.23
N CYS A 500 -22.18 26.54 13.19
CA CYS A 500 -20.96 27.24 13.59
C CYS A 500 -20.55 28.15 12.42
N SER A 501 -20.13 29.38 12.79
CA SER A 501 -19.91 30.51 11.86
C SER A 501 -18.44 30.93 11.79
N THR A 502 -17.53 30.03 12.18
CA THR A 502 -16.06 30.27 12.12
C THR A 502 -15.38 29.01 11.61
N PRO A 503 -14.06 29.02 11.28
CA PRO A 503 -13.40 27.85 10.69
C PRO A 503 -13.30 26.67 11.68
N GLY A 504 -13.21 26.98 12.97
CA GLY A 504 -13.23 26.00 14.04
C GLY A 504 -14.44 26.21 14.95
N PRO A 505 -14.90 25.14 15.62
CA PRO A 505 -16.02 25.22 16.57
C PRO A 505 -15.57 25.89 17.88
N ASP A 506 -16.56 26.30 18.69
CA ASP A 506 -16.38 26.94 20.02
C ASP A 506 -15.68 25.99 21.00
N ILE A 507 -16.03 24.69 20.95
CA ILE A 507 -15.60 23.72 21.89
C ILE A 507 -14.99 22.54 21.12
N LYS A 508 -13.90 22.02 21.63
CA LYS A 508 -13.20 20.89 20.98
C LYS A 508 -13.95 19.57 21.24
N LEU A 509 -13.75 18.58 20.36
CA LEU A 509 -14.52 17.39 20.37
C LEU A 509 -14.39 16.59 21.66
N TYR A 510 -13.16 16.30 22.15
CA TYR A 510 -13.01 15.40 23.30
C TYR A 510 -13.59 16.11 24.53
N PRO A 511 -13.30 17.42 24.77
CA PRO A 511 -13.94 18.11 25.90
C PRO A 511 -15.45 18.03 25.84
N PHE A 512 -15.98 18.21 24.63
CA PHE A 512 -17.41 18.11 24.45
C PHE A 512 -17.95 16.74 24.87
N ILE A 513 -17.26 15.65 24.48
CA ILE A 513 -17.74 14.35 24.80
C ILE A 513 -17.70 14.11 26.31
N TYR A 514 -16.60 14.52 26.94
CA TYR A 514 -16.48 14.35 28.38
C TYR A 514 -17.65 15.07 29.04
N HIS A 515 -17.91 16.30 28.64
CA HIS A 515 -18.99 17.07 29.31
C HIS A 515 -20.34 16.38 29.11
N ALA A 516 -20.61 15.94 27.86
CA ALA A 516 -21.92 15.38 27.46
C ALA A 516 -22.18 14.11 28.27
N VAL A 517 -21.16 13.26 28.46
CA VAL A 517 -21.33 12.00 29.20
C VAL A 517 -21.42 12.30 30.70
N GLU A 518 -20.54 13.15 31.22
CA GLU A 518 -20.50 13.46 32.66
C GLU A 518 -21.78 14.22 33.05
N SER A 519 -22.44 14.91 32.12
CA SER A 519 -23.69 15.65 32.40
C SER A 519 -24.92 14.71 32.38
N CYS A 520 -24.72 13.44 32.04
CA CYS A 520 -25.83 12.52 31.77
C CYS A 520 -25.88 11.41 32.81
#